data_6DR8
#
_entry.id   6DR8
#
_cell.length_a   43.767
_cell.length_b   69.151
_cell.length_c   77.523
_cell.angle_alpha   90.00
_cell.angle_beta   90.00
_cell.angle_gamma   90.00
#
_symmetry.space_group_name_H-M   'P 21 21 21'
#
loop_
_entity.id
_entity.type
_entity.pdbx_description
1 polymer Beta-lactamase
2 non-polymer 'PHOSPHATE ION'
3 non-polymer 'ZINC ION'
4 non-polymer (2-hydroxyethoxy)acetaldehyde
5 non-polymer 'TRIETHYLENE GLYCOL'
6 water water
#
_entity_poly.entity_id   1
_entity_poly.type   'polypeptide(L)'
_entity_poly.pdbx_seq_one_letter_code
;SLFEAWAKPVQPFAIWPGVWYVGTENLSSVLLTTPQGHILIDAGLDASAPQIRRNIEALGFRMADIRYIANSHAHLDHAG
GIARLKAWSGARVIASHANAEQMARGGKEDFALGDALPFPPVTVDMEAQDGQQWHLGGVTLAAIFTPGHLPGATSWKVTL
ADGKTLIYADSLATPGYPLINNRNYPTLVEDIRRSFARLEAQQVDIFLANHGERFGLMDKMARKARGENNAFIDKAGLAR
YVAQSRAAFEKQLAAQRAQP
;
_entity_poly.pdbx_strand_id   A
#
loop_
_chem_comp.id
_chem_comp.type
_chem_comp.name
_chem_comp.formula
1KA non-polymer (2-hydroxyethoxy)acetaldehyde 'C4 H8 O3'
PGE non-polymer 'TRIETHYLENE GLYCOL' 'C6 H14 O4'
PO4 non-polymer 'PHOSPHATE ION' 'O4 P -3'
ZN non-polymer 'ZINC ION' 'Zn 2'
#
# COMPACT_ATOMS: atom_id res chain seq x y z
N PRO A 9 7.20 -2.23 -20.39
CA PRO A 9 6.58 -1.99 -19.07
C PRO A 9 5.06 -1.95 -19.13
N VAL A 10 4.41 -2.15 -17.99
CA VAL A 10 2.97 -1.96 -17.87
C VAL A 10 2.67 -0.47 -18.07
N GLN A 11 1.78 -0.16 -19.02
CA GLN A 11 1.48 1.26 -19.24
C GLN A 11 0.48 1.73 -18.19
N PRO A 12 0.63 2.96 -17.71
CA PRO A 12 -0.30 3.47 -16.70
C PRO A 12 -1.70 3.65 -17.30
N PHE A 13 -2.70 3.62 -16.44
CA PHE A 13 -4.09 3.57 -16.90
C PHE A 13 -5.01 3.95 -15.75
N ALA A 14 -6.25 4.26 -16.12
CA ALA A 14 -7.29 4.61 -15.16
C ALA A 14 -7.94 3.36 -14.57
N ILE A 15 -7.92 3.26 -13.25
CA ILE A 15 -8.70 2.27 -12.53
C ILE A 15 -10.16 2.68 -12.42
N TRP A 16 -10.40 3.96 -12.23
CA TRP A 16 -11.69 4.56 -12.00
C TRP A 16 -11.49 6.06 -12.17
N PRO A 17 -12.52 6.85 -12.48
CA PRO A 17 -12.29 8.30 -12.54
C PRO A 17 -11.58 8.81 -11.29
N GLY A 18 -10.46 9.52 -11.49
CA GLY A 18 -9.67 10.02 -10.39
C GLY A 18 -8.69 9.05 -9.76
N VAL A 19 -8.58 7.82 -10.27
CA VAL A 19 -7.74 6.78 -9.68
C VAL A 19 -6.92 6.15 -10.79
N TRP A 20 -5.60 6.22 -10.67
CA TRP A 20 -4.70 5.81 -11.75
C TRP A 20 -3.65 4.86 -11.21
N TYR A 21 -3.35 3.83 -12.00
CA TYR A 21 -2.26 2.92 -11.68
C TYR A 21 -1.01 3.41 -12.39
N VAL A 22 0.06 3.63 -11.62
CA VAL A 22 1.32 4.16 -12.16
C VAL A 22 2.51 3.30 -11.74
N GLY A 23 2.25 2.14 -11.17
CA GLY A 23 3.30 1.23 -10.76
C GLY A 23 3.77 0.31 -11.89
N THR A 24 4.32 -0.84 -11.49
CA THR A 24 4.85 -1.82 -12.43
C THR A 24 4.00 -3.09 -12.38
N GLU A 25 4.44 -4.13 -13.09
CA GLU A 25 3.63 -5.34 -13.14
C GLU A 25 3.39 -5.88 -11.74
N ASN A 26 4.40 -5.80 -10.88
CA ASN A 26 4.32 -6.41 -9.57
C ASN A 26 4.12 -5.41 -8.45
N LEU A 27 4.66 -4.20 -8.59
CA LEU A 27 4.74 -3.26 -7.47
C LEU A 27 3.79 -2.10 -7.67
N SER A 28 2.81 -2.00 -6.78
CA SER A 28 1.77 -1.01 -6.95
C SER A 28 2.25 0.39 -6.62
N SER A 29 1.71 1.34 -7.36
CA SER A 29 1.76 2.74 -7.01
C SER A 29 0.47 3.30 -7.59
N VAL A 30 -0.31 3.98 -6.76
CA VAL A 30 -1.63 4.44 -7.14
C VAL A 30 -1.70 5.95 -6.96
N LEU A 31 -2.17 6.64 -7.99
CA LEU A 31 -2.25 8.09 -8.00
C LEU A 31 -3.72 8.49 -7.94
N LEU A 32 -4.07 9.29 -6.95
CA LEU A 32 -5.41 9.82 -6.79
C LEU A 32 -5.34 11.29 -7.15
N THR A 33 -6.07 11.67 -8.20
CA THR A 33 -5.95 13.02 -8.74
C THR A 33 -7.13 13.87 -8.31
N THR A 34 -6.86 15.13 -7.97
CA THR A 34 -7.87 16.08 -7.56
C THR A 34 -7.51 17.47 -8.06
N PRO A 35 -8.48 18.38 -8.15
CA PRO A 35 -8.16 19.75 -8.59
CA PRO A 35 -8.16 19.75 -8.59
C PRO A 35 -7.19 20.48 -7.68
N GLN A 36 -7.07 20.05 -6.43
CA GLN A 36 -6.17 20.67 -5.47
C GLN A 36 -4.84 19.95 -5.41
N GLY A 37 -4.59 19.03 -6.32
CA GLY A 37 -3.39 18.23 -6.31
C GLY A 37 -3.69 16.79 -5.92
N HIS A 38 -2.63 15.99 -5.84
CA HIS A 38 -2.76 14.54 -5.91
C HIS A 38 -2.17 13.85 -4.68
N ILE A 39 -2.56 12.59 -4.53
CA ILE A 39 -2.03 11.71 -3.50
C ILE A 39 -1.45 10.51 -4.22
N LEU A 40 -0.23 10.15 -3.88
CA LEU A 40 0.41 8.94 -4.40
C LEU A 40 0.50 7.93 -3.27
N ILE A 41 0.03 6.71 -3.51
CA ILE A 41 0.15 5.64 -2.52
C ILE A 41 1.23 4.69 -3.00
N ASP A 42 2.31 4.62 -2.21
CA ASP A 42 3.48 3.79 -2.44
C ASP A 42 4.30 4.19 -3.67
N ALA A 43 5.55 3.70 -3.73
CA ALA A 43 6.47 4.20 -4.73
C ALA A 43 7.48 3.15 -5.21
N GLY A 44 7.19 1.87 -5.05
CA GLY A 44 8.09 0.85 -5.56
C GLY A 44 9.50 0.89 -4.99
N LEU A 45 10.40 0.27 -5.75
CA LEU A 45 11.82 0.27 -5.45
C LEU A 45 12.43 1.61 -5.84
N ASP A 46 13.60 1.91 -5.26
CA ASP A 46 14.34 3.07 -5.72
C ASP A 46 14.56 2.99 -7.23
N ALA A 47 14.88 1.79 -7.73
CA ALA A 47 15.08 1.61 -9.15
C ALA A 47 13.81 1.78 -9.97
N SER A 48 12.63 1.70 -9.32
CA SER A 48 11.34 1.93 -9.97
C SER A 48 11.04 3.42 -10.16
N ALA A 49 11.70 4.30 -9.42
CA ALA A 49 11.24 5.69 -9.35
C ALA A 49 11.26 6.39 -10.70
N PRO A 50 12.28 6.24 -11.53
CA PRO A 50 12.22 6.90 -12.86
C PRO A 50 11.04 6.43 -13.69
N GLN A 51 10.70 5.15 -13.59
CA GLN A 51 9.58 4.62 -14.35
C GLN A 51 8.26 5.14 -13.80
N ILE A 52 8.13 5.24 -12.48
CA ILE A 52 6.90 5.78 -11.91
C ILE A 52 6.72 7.23 -12.33
N ARG A 53 7.80 8.03 -12.28
N ARG A 53 7.80 8.03 -12.28
CA ARG A 53 7.72 9.40 -12.76
CA ARG A 53 7.71 9.40 -12.76
C ARG A 53 7.29 9.46 -14.22
C ARG A 53 7.28 9.46 -14.22
N ARG A 54 7.90 8.63 -15.07
CA ARG A 54 7.52 8.59 -16.48
C ARG A 54 6.05 8.23 -16.62
N ASN A 55 5.56 7.31 -15.78
CA ASN A 55 4.17 6.86 -15.89
C ASN A 55 3.23 7.99 -15.52
N ILE A 56 3.55 8.71 -14.45
CA ILE A 56 2.72 9.86 -14.06
C ILE A 56 2.70 10.90 -15.17
N GLU A 57 3.87 11.18 -15.75
CA GLU A 57 3.94 12.16 -16.83
C GLU A 57 3.23 11.68 -18.08
N ALA A 58 3.29 10.37 -18.37
CA ALA A 58 2.60 9.84 -19.54
C ALA A 58 1.09 9.96 -19.42
N LEU A 59 0.56 10.04 -18.20
CA LEU A 59 -0.86 10.30 -17.99
C LEU A 59 -1.21 11.78 -18.08
N GLY A 60 -0.22 12.65 -18.15
CA GLY A 60 -0.47 14.06 -18.26
C GLY A 60 -0.55 14.76 -16.94
N PHE A 61 -0.07 14.15 -15.86
CA PHE A 61 -0.07 14.76 -14.54
C PHE A 61 1.34 15.18 -14.15
N ARG A 62 1.42 16.18 -13.30
CA ARG A 62 2.69 16.71 -12.86
C ARG A 62 3.10 16.17 -11.50
N MET A 63 4.36 15.73 -11.39
CA MET A 63 4.92 15.40 -10.09
C MET A 63 4.75 16.56 -9.12
N ALA A 64 4.92 17.78 -9.61
CA ALA A 64 4.85 18.94 -8.74
C ALA A 64 3.47 19.11 -8.09
N ASP A 65 2.44 18.49 -8.65
CA ASP A 65 1.10 18.59 -8.09
C ASP A 65 0.79 17.51 -7.06
N ILE A 66 1.70 16.58 -6.80
CA ILE A 66 1.48 15.58 -5.76
C ILE A 66 1.73 16.24 -4.41
N ARG A 67 0.70 16.25 -3.57
CA ARG A 67 0.74 16.89 -2.27
C ARG A 67 1.14 15.93 -1.17
N TYR A 68 0.77 14.66 -1.31
CA TYR A 68 1.03 13.67 -0.28
C TYR A 68 1.48 12.36 -0.92
N ILE A 69 2.44 11.70 -0.26
CA ILE A 69 2.82 10.33 -0.57
C ILE A 69 2.56 9.53 0.68
N ALA A 70 1.70 8.51 0.58
CA ALA A 70 1.33 7.65 1.69
C ALA A 70 2.04 6.32 1.52
N ASN A 71 2.53 5.74 2.61
CA ASN A 71 3.22 4.44 2.57
C ASN A 71 2.35 3.40 3.26
N SER A 72 2.26 2.22 2.64
CA SER A 72 1.66 1.06 3.30
C SER A 72 2.61 0.49 4.36
N HIS A 73 3.78 0.00 3.94
CA HIS A 73 4.79 -0.39 4.92
C HIS A 73 6.22 -0.20 4.38
N ALA A 74 7.15 -0.13 5.32
CA ALA A 74 8.51 0.35 5.07
C ALA A 74 9.45 -0.79 4.67
N HIS A 75 9.10 -1.48 3.58
CA HIS A 75 9.99 -2.39 2.88
C HIS A 75 10.42 -1.77 1.56
N LEU A 76 11.55 -2.25 1.04
CA LEU A 76 12.18 -1.62 -0.12
C LEU A 76 11.27 -1.59 -1.35
N ASP A 77 10.33 -2.52 -1.47
CA ASP A 77 9.52 -2.57 -2.67
C ASP A 77 8.29 -1.67 -2.61
N HIS A 78 8.08 -0.94 -1.51
CA HIS A 78 7.00 0.04 -1.40
C HIS A 78 7.52 1.41 -1.00
N ALA A 79 8.53 1.46 -0.16
CA ALA A 79 9.09 2.71 0.30
C ALA A 79 10.40 3.07 -0.40
N GLY A 80 10.96 2.16 -1.19
CA GLY A 80 12.28 2.39 -1.76
C GLY A 80 12.35 3.61 -2.66
N GLY A 81 11.28 3.87 -3.40
CA GLY A 81 11.20 5.00 -4.31
C GLY A 81 10.75 6.30 -3.67
N ILE A 82 10.41 6.30 -2.38
CA ILE A 82 9.80 7.49 -1.79
C ILE A 82 10.79 8.65 -1.72
N ALA A 83 12.05 8.40 -1.35
CA ALA A 83 13.02 9.49 -1.27
C ALA A 83 13.08 10.27 -2.57
N ARG A 84 13.19 9.56 -3.70
CA ARG A 84 13.27 10.23 -5.00
C ARG A 84 11.95 10.93 -5.34
N LEU A 85 10.83 10.23 -5.19
CA LEU A 85 9.58 10.84 -5.58
C LEU A 85 9.23 12.04 -4.70
N LYS A 86 9.63 12.02 -3.43
CA LYS A 86 9.43 13.17 -2.56
C LYS A 86 10.26 14.37 -3.04
N ALA A 87 11.51 14.12 -3.40
CA ALA A 87 12.36 15.19 -3.88
C ALA A 87 11.80 15.83 -5.13
N TRP A 88 11.26 15.02 -6.05
CA TRP A 88 10.76 15.54 -7.31
C TRP A 88 9.43 16.26 -7.19
N SER A 89 8.64 15.94 -6.17
CA SER A 89 7.28 16.45 -6.06
C SER A 89 7.14 17.57 -5.04
N GLY A 90 7.94 17.54 -3.99
CA GLY A 90 7.70 18.39 -2.84
C GLY A 90 6.60 17.89 -1.95
N ALA A 91 6.18 16.64 -2.11
CA ALA A 91 5.06 16.12 -1.35
C ALA A 91 5.44 15.90 0.12
N ARG A 92 4.43 15.93 0.98
CA ARG A 92 4.59 15.49 2.36
C ARG A 92 4.34 13.99 2.41
N VAL A 93 5.25 13.28 3.07
CA VAL A 93 5.13 11.84 3.24
C VAL A 93 4.37 11.53 4.52
N ILE A 94 3.37 10.67 4.40
CA ILE A 94 2.51 10.24 5.51
C ILE A 94 2.77 8.76 5.78
N ALA A 95 2.97 8.43 7.05
CA ALA A 95 3.15 7.03 7.43
C ALA A 95 2.93 6.86 8.92
N SER A 96 2.69 5.62 9.33
CA SER A 96 2.64 5.30 10.75
C SER A 96 4.01 5.54 11.40
N HIS A 97 3.99 5.69 12.73
CA HIS A 97 5.23 5.94 13.46
C HIS A 97 6.27 4.84 13.22
N ALA A 98 5.87 3.57 13.30
CA ALA A 98 6.84 2.49 13.13
C ALA A 98 7.40 2.48 11.71
N ASN A 99 6.56 2.76 10.72
CA ASN A 99 7.07 2.84 9.37
C ASN A 99 8.01 4.02 9.21
N ALA A 100 7.68 5.15 9.83
CA ALA A 100 8.54 6.32 9.75
C ALA A 100 9.91 6.04 10.35
N GLU A 101 9.95 5.32 11.47
CA GLU A 101 11.24 4.98 12.07
C GLU A 101 12.04 4.06 11.18
N GLN A 102 11.39 3.09 10.54
CA GLN A 102 12.12 2.17 9.66
C GLN A 102 12.56 2.87 8.37
N MET A 103 11.73 3.76 7.84
CA MET A 103 12.15 4.58 6.68
C MET A 103 13.33 5.48 7.02
N ALA A 104 13.38 6.04 8.24
CA ALA A 104 14.49 6.90 8.63
C ALA A 104 15.79 6.11 8.64
N ARG A 105 15.70 4.80 8.87
CA ARG A 105 16.84 3.90 8.91
C ARG A 105 17.08 3.21 7.57
N GLY A 106 16.36 3.60 6.53
CA GLY A 106 16.57 2.96 5.24
C GLY A 106 16.25 1.49 5.23
N GLY A 107 15.28 1.06 6.02
CA GLY A 107 14.88 -0.33 6.06
C GLY A 107 15.70 -1.20 6.98
N LYS A 108 16.76 -0.68 7.59
CA LYS A 108 17.58 -1.47 8.48
C LYS A 108 16.91 -1.66 9.85
N GLU A 109 17.46 -2.59 10.63
CA GLU A 109 16.91 -2.99 11.92
C GLU A 109 15.50 -3.55 11.81
N ASP A 110 15.18 -4.12 10.64
CA ASP A 110 13.92 -4.80 10.41
C ASP A 110 13.83 -6.03 11.34
N PHE A 111 12.66 -6.21 11.96
CA PHE A 111 12.52 -7.26 12.98
C PHE A 111 12.80 -8.65 12.43
N ALA A 112 12.60 -8.88 11.13
CA ALA A 112 12.83 -10.17 10.53
C ALA A 112 14.00 -10.21 9.56
N LEU A 113 14.28 -9.08 8.90
CA LEU A 113 15.31 -8.99 7.87
C LEU A 113 16.61 -8.39 8.36
N GLY A 114 16.62 -7.75 9.52
CA GLY A 114 17.83 -7.04 9.93
C GLY A 114 18.17 -5.99 8.90
N ASP A 115 19.42 -6.02 8.41
CA ASP A 115 19.89 -5.06 7.40
C ASP A 115 20.02 -5.68 6.01
N ALA A 116 19.31 -6.78 5.73
CA ALA A 116 19.51 -7.51 4.48
C ALA A 116 18.98 -6.78 3.26
N LEU A 117 17.95 -5.94 3.40
CA LEU A 117 17.27 -5.32 2.25
C LEU A 117 17.09 -3.82 2.46
N PRO A 118 18.17 -3.06 2.53
CA PRO A 118 18.06 -1.61 2.77
C PRO A 118 17.60 -0.86 1.54
N PHE A 119 17.20 0.39 1.76
CA PHE A 119 16.75 1.28 0.70
C PHE A 119 17.04 2.73 1.12
N PRO A 120 16.88 3.69 0.20
CA PRO A 120 17.26 5.06 0.54
C PRO A 120 16.45 5.60 1.71
N PRO A 121 17.12 6.10 2.76
CA PRO A 121 16.36 6.67 3.88
C PRO A 121 15.51 7.85 3.43
N VAL A 122 14.35 7.99 4.07
CA VAL A 122 13.48 9.12 3.79
C VAL A 122 12.86 9.61 5.09
N THR A 123 12.65 10.92 5.15
CA THR A 123 12.00 11.57 6.28
C THR A 123 10.50 11.61 6.05
N VAL A 124 9.76 11.01 6.97
CA VAL A 124 8.31 11.12 6.98
C VAL A 124 7.96 12.47 7.60
N ASP A 125 7.03 13.18 6.98
CA ASP A 125 6.68 14.51 7.43
C ASP A 125 5.51 14.51 8.39
N MET A 126 4.59 13.57 8.22
CA MET A 126 3.35 13.55 8.97
C MET A 126 3.08 12.13 9.42
N GLU A 127 2.96 11.94 10.71
CA GLU A 127 2.62 10.62 11.19
C GLU A 127 1.12 10.39 11.06
N ALA A 128 0.77 9.12 10.87
CA ALA A 128 -0.61 8.69 10.77
C ALA A 128 -0.97 7.87 12.00
N GLN A 129 -2.10 8.20 12.61
CA GLN A 129 -2.68 7.37 13.65
C GLN A 129 -3.89 6.65 13.08
N ASP A 130 -4.29 5.56 13.73
CA ASP A 130 -5.39 4.75 13.21
C ASP A 130 -6.65 5.59 13.11
N GLY A 131 -7.30 5.54 11.95
CA GLY A 131 -8.53 6.27 11.72
C GLY A 131 -8.33 7.71 11.33
N GLN A 132 -7.11 8.20 11.31
CA GLN A 132 -6.85 9.60 10.98
C GLN A 132 -7.19 9.86 9.52
N GLN A 133 -7.73 11.06 9.26
CA GLN A 133 -8.20 11.44 7.94
C GLN A 133 -7.48 12.67 7.43
N TRP A 134 -7.20 12.69 6.14
CA TRP A 134 -6.72 13.85 5.41
C TRP A 134 -7.70 14.12 4.29
N HIS A 135 -7.95 15.39 4.01
CA HIS A 135 -8.88 15.77 2.95
CA HIS A 135 -8.88 15.77 2.95
C HIS A 135 -8.15 16.59 1.90
N LEU A 136 -8.43 16.30 0.64
CA LEU A 136 -7.80 17.02 -0.46
C LEU A 136 -8.74 16.99 -1.66
N GLY A 137 -9.19 18.15 -2.11
CA GLY A 137 -9.91 18.25 -3.38
C GLY A 137 -11.14 17.39 -3.50
N GLY A 138 -11.86 17.15 -2.41
CA GLY A 138 -13.06 16.33 -2.45
C GLY A 138 -12.85 14.88 -2.09
N VAL A 139 -11.60 14.47 -1.91
CA VAL A 139 -11.23 13.10 -1.56
C VAL A 139 -10.81 13.05 -0.10
N THR A 140 -11.15 11.96 0.58
CA THR A 140 -10.72 11.72 1.95
C THR A 140 -9.84 10.48 1.98
N LEU A 141 -8.65 10.64 2.54
CA LEU A 141 -7.71 9.55 2.78
C LEU A 141 -7.73 9.22 4.26
N ALA A 142 -7.89 7.95 4.61
CA ALA A 142 -7.89 7.57 6.02
C ALA A 142 -7.00 6.36 6.24
N ALA A 143 -6.26 6.39 7.35
CA ALA A 143 -5.39 5.26 7.69
C ALA A 143 -6.17 4.18 8.41
N ILE A 144 -5.90 2.94 8.03
CA ILE A 144 -6.40 1.74 8.71
C ILE A 144 -5.17 0.98 9.20
N PHE A 145 -4.95 0.96 10.50
CA PHE A 145 -3.79 0.25 11.04
C PHE A 145 -4.02 -1.24 10.87
N THR A 146 -3.12 -1.91 10.14
CA THR A 146 -3.21 -3.35 9.87
C THR A 146 -1.86 -4.00 10.13
N PRO A 147 -1.42 -4.03 11.38
CA PRO A 147 -0.09 -4.60 11.71
C PRO A 147 -0.05 -6.11 11.55
N GLY A 148 1.20 -6.60 11.52
CA GLY A 148 1.45 -8.02 11.46
C GLY A 148 2.59 -8.32 10.50
N HIS A 149 2.43 -7.92 9.25
CA HIS A 149 3.53 -8.02 8.30
C HIS A 149 4.71 -7.16 8.77
N LEU A 150 4.41 -5.99 9.31
CA LEU A 150 5.34 -5.15 10.06
C LEU A 150 4.55 -4.50 11.17
N PRO A 151 5.23 -4.05 12.23
CA PRO A 151 4.50 -3.43 13.35
C PRO A 151 3.68 -2.22 12.93
N GLY A 152 4.11 -1.48 11.90
CA GLY A 152 3.42 -0.28 11.46
C GLY A 152 2.64 -0.42 10.18
N ALA A 153 2.46 -1.63 9.68
CA ALA A 153 1.76 -1.82 8.41
C ALA A 153 0.41 -1.13 8.43
N THR A 154 0.08 -0.47 7.33
CA THR A 154 -1.07 0.42 7.20
C THR A 154 -1.75 0.15 5.88
N SER A 155 -3.06 -0.03 5.94
CA SER A 155 -3.92 0.00 4.77
C SER A 155 -4.59 1.37 4.69
N TRP A 156 -5.04 1.73 3.51
CA TRP A 156 -5.56 3.07 3.27
C TRP A 156 -6.96 2.99 2.71
N LYS A 157 -7.87 3.74 3.34
CA LYS A 157 -9.23 3.88 2.87
C LYS A 157 -9.40 5.25 2.19
N VAL A 158 -9.94 5.24 1.00
CA VAL A 158 -10.16 6.47 0.24
C VAL A 158 -11.64 6.60 -0.07
N THR A 159 -12.21 7.73 0.29
CA THR A 159 -13.55 8.08 -0.17
C THR A 159 -13.36 9.06 -1.31
N LEU A 160 -13.75 8.64 -2.49
CA LEU A 160 -13.57 9.45 -3.69
C LEU A 160 -14.64 10.52 -3.75
N ALA A 161 -14.41 11.51 -4.61
CA ALA A 161 -15.32 12.64 -4.74
C ALA A 161 -16.68 12.22 -5.28
N ASP A 162 -16.78 11.05 -5.92
CA ASP A 162 -18.07 10.54 -6.37
C ASP A 162 -18.74 9.64 -5.33
N GLY A 163 -18.14 9.45 -4.17
CA GLY A 163 -18.74 8.68 -3.10
C GLY A 163 -18.33 7.22 -3.07
N LYS A 164 -17.60 6.76 -4.06
CA LYS A 164 -17.10 5.38 -4.03
C LYS A 164 -16.02 5.24 -2.97
N THR A 165 -15.96 4.05 -2.36
CA THR A 165 -14.96 3.71 -1.36
C THR A 165 -13.92 2.78 -1.96
N LEU A 166 -12.65 3.14 -1.79
CA LEU A 166 -11.53 2.35 -2.24
C LEU A 166 -10.74 1.93 -1.01
N ILE A 167 -10.30 0.67 -0.98
CA ILE A 167 -9.38 0.20 0.05
CA ILE A 167 -9.39 0.18 0.05
C ILE A 167 -8.10 -0.23 -0.65
N TYR A 168 -6.98 0.28 -0.17
CA TYR A 168 -5.67 -0.13 -0.64
C TYR A 168 -5.08 -0.95 0.51
N ALA A 169 -5.10 -2.27 0.35
CA ALA A 169 -4.71 -3.17 1.42
C ALA A 169 -3.20 -3.40 1.45
N ASP A 170 -2.66 -3.40 2.66
CA ASP A 170 -1.28 -3.80 2.84
C ASP A 170 -1.13 -5.33 2.79
N SER A 171 0.12 -5.75 2.85
CA SER A 171 0.45 -7.14 2.93
C SER A 171 -0.04 -7.75 4.24
N LEU A 172 -0.59 -8.95 4.13
CA LEU A 172 -0.86 -9.80 5.28
C LEU A 172 0.07 -11.01 5.32
N ALA A 173 1.17 -10.96 4.57
CA ALA A 173 2.07 -12.11 4.46
C ALA A 173 3.07 -12.13 5.63
N THR A 174 3.51 -13.33 5.99
CA THR A 174 4.45 -13.51 7.09
C THR A 174 5.60 -14.42 6.65
N PRO A 175 6.28 -14.05 5.55
CA PRO A 175 7.23 -14.97 4.89
C PRO A 175 8.47 -15.26 5.74
N GLY A 176 8.63 -16.52 6.13
CA GLY A 176 9.75 -16.91 6.95
C GLY A 176 9.74 -16.35 8.36
N TYR A 177 8.62 -15.83 8.82
CA TYR A 177 8.61 -15.19 10.14
C TYR A 177 8.48 -16.24 11.23
N PRO A 178 9.33 -16.19 12.25
CA PRO A 178 9.09 -16.98 13.47
C PRO A 178 7.90 -16.39 14.22
N LEU A 179 6.89 -17.21 14.46
CA LEU A 179 5.67 -16.71 15.07
C LEU A 179 5.61 -16.96 16.56
N ILE A 180 6.47 -17.83 17.08
CA ILE A 180 6.42 -18.26 18.47
C ILE A 180 7.68 -17.73 19.16
N ASN A 181 7.48 -16.99 20.24
CA ASN A 181 8.59 -16.43 21.00
C ASN A 181 9.48 -15.54 20.12
N ASN A 182 8.85 -14.72 19.29
CA ASN A 182 9.61 -13.76 18.48
C ASN A 182 10.01 -12.61 19.38
N ARG A 183 11.30 -12.52 19.69
CA ARG A 183 11.78 -11.53 20.64
C ARG A 183 11.86 -10.14 20.01
N ASN A 184 11.84 -10.05 18.69
CA ASN A 184 11.93 -8.76 18.02
C ASN A 184 10.56 -8.13 17.77
N TYR A 185 9.49 -8.92 17.75
CA TYR A 185 8.13 -8.42 17.48
C TYR A 185 7.19 -9.37 18.19
N PRO A 186 7.08 -9.25 19.51
CA PRO A 186 6.41 -10.30 20.29
C PRO A 186 4.96 -10.49 19.97
N THR A 187 4.21 -9.44 19.62
CA THR A 187 2.76 -9.49 19.49
C THR A 187 2.28 -9.77 18.07
N LEU A 188 3.16 -10.25 17.18
CA LEU A 188 2.77 -10.32 15.77
C LEU A 188 1.55 -11.21 15.50
N VAL A 189 1.38 -12.32 16.23
CA VAL A 189 0.22 -13.19 15.96
C VAL A 189 -1.09 -12.48 16.31
N GLU A 190 -1.12 -11.84 17.48
CA GLU A 190 -2.32 -11.15 17.91
C GLU A 190 -2.63 -9.98 16.97
N ASP A 191 -1.57 -9.32 16.49
CA ASP A 191 -1.75 -8.19 15.59
C ASP A 191 -2.32 -8.64 14.25
N ILE A 192 -1.72 -9.66 13.64
CA ILE A 192 -2.18 -10.03 12.30
C ILE A 192 -3.60 -10.57 12.33
N ARG A 193 -3.98 -11.30 13.39
CA ARG A 193 -5.36 -11.79 13.46
C ARG A 193 -6.36 -10.66 13.57
N ARG A 194 -5.99 -9.58 14.26
CA ARG A 194 -6.86 -8.42 14.33
C ARG A 194 -6.92 -7.69 12.99
N SER A 195 -5.81 -7.71 12.26
CA SER A 195 -5.79 -7.10 10.94
C SER A 195 -6.70 -7.83 9.97
N PHE A 196 -6.76 -9.16 10.05
CA PHE A 196 -7.70 -9.88 9.20
C PHE A 196 -9.12 -9.39 9.46
N ALA A 197 -9.49 -9.31 10.74
CA ALA A 197 -10.85 -8.93 11.09
C ALA A 197 -11.14 -7.50 10.65
N ARG A 198 -10.16 -6.60 10.82
CA ARG A 198 -10.36 -5.20 10.47
C ARG A 198 -10.63 -5.06 8.98
N LEU A 199 -9.85 -5.75 8.15
CA LEU A 199 -10.01 -5.59 6.70
C LEU A 199 -11.26 -6.29 6.18
N GLU A 200 -11.57 -7.48 6.68
CA GLU A 200 -12.69 -8.18 6.08
C GLU A 200 -14.00 -7.47 6.39
N ALA A 201 -14.03 -6.63 7.43
CA ALA A 201 -15.23 -5.90 7.81
C ALA A 201 -15.44 -4.61 7.02
N GLN A 202 -14.48 -4.21 6.19
CA GLN A 202 -14.58 -2.94 5.49
C GLN A 202 -15.61 -3.00 4.37
N GLN A 203 -16.44 -1.97 4.31
CA GLN A 203 -17.26 -1.77 3.13
C GLN A 203 -16.36 -1.20 2.05
N VAL A 204 -16.45 -1.72 0.85
CA VAL A 204 -15.48 -1.37 -0.18
C VAL A 204 -16.14 -1.54 -1.55
N ASP A 205 -15.92 -0.56 -2.42
CA ASP A 205 -16.30 -0.68 -3.82
C ASP A 205 -15.13 -1.14 -4.69
N ILE A 206 -13.97 -0.53 -4.52
CA ILE A 206 -12.77 -0.80 -5.32
C ILE A 206 -11.72 -1.36 -4.39
N PHE A 207 -11.30 -2.60 -4.65
CA PHE A 207 -10.27 -3.28 -3.88
C PHE A 207 -8.94 -3.17 -4.61
N LEU A 208 -7.97 -2.53 -3.97
CA LEU A 208 -6.59 -2.51 -4.45
C LEU A 208 -5.68 -3.04 -3.37
N ALA A 209 -4.44 -3.30 -3.74
CA ALA A 209 -3.44 -3.75 -2.77
C ALA A 209 -2.07 -3.36 -3.27
N ASN A 210 -1.06 -3.55 -2.42
CA ASN A 210 0.26 -3.04 -2.74
C ASN A 210 1.08 -3.99 -3.62
N HIS A 211 0.51 -5.13 -4.01
N HIS A 211 0.52 -5.13 -3.99
CA HIS A 211 1.08 -5.99 -5.03
CA HIS A 211 1.08 -5.94 -5.06
C HIS A 211 -0.03 -6.38 -5.99
C HIS A 211 -0.04 -6.35 -5.98
N GLY A 212 0.23 -6.31 -7.29
CA GLY A 212 -0.81 -6.56 -8.27
C GLY A 212 -1.45 -7.93 -8.16
N GLU A 213 -0.65 -8.96 -7.82
N GLU A 213 -0.65 -8.96 -7.84
CA GLU A 213 -1.23 -10.30 -7.75
CA GLU A 213 -1.21 -10.29 -7.73
C GLU A 213 -2.17 -10.45 -6.55
C GLU A 213 -2.20 -10.42 -6.58
N ARG A 214 -2.12 -9.54 -5.59
CA ARG A 214 -3.02 -9.60 -4.45
C ARG A 214 -4.44 -9.12 -4.79
N PHE A 215 -4.60 -8.32 -5.86
CA PHE A 215 -5.92 -7.81 -6.24
C PHE A 215 -6.29 -8.10 -7.68
N GLY A 216 -5.56 -8.94 -8.39
CA GLY A 216 -5.91 -9.31 -9.75
C GLY A 216 -5.67 -8.21 -10.77
N LEU A 217 -4.59 -7.45 -10.59
CA LEU A 217 -4.30 -6.29 -11.42
C LEU A 217 -4.30 -6.60 -12.90
N MET A 218 -3.53 -7.61 -13.32
CA MET A 218 -3.32 -7.78 -14.76
C MET A 218 -4.61 -8.16 -15.47
N ASP A 219 -5.42 -9.01 -14.85
CA ASP A 219 -6.67 -9.41 -15.48
C ASP A 219 -7.65 -8.25 -15.53
N LYS A 220 -7.77 -7.51 -14.44
CA LYS A 220 -8.67 -6.37 -14.40
C LYS A 220 -8.22 -5.27 -15.34
N MET A 221 -6.91 -5.03 -15.42
CA MET A 221 -6.38 -4.01 -16.32
C MET A 221 -6.73 -4.32 -17.76
N ALA A 222 -6.60 -5.59 -18.13
CA ALA A 222 -6.89 -6.01 -19.49
C ALA A 222 -8.37 -5.83 -19.81
N ARG A 223 -9.25 -6.23 -18.88
CA ARG A 223 -10.69 -6.02 -19.07
C ARG A 223 -11.04 -4.54 -19.17
N LYS A 224 -10.50 -3.72 -18.27
CA LYS A 224 -10.76 -2.29 -18.30
C LYS A 224 -10.31 -1.69 -19.63
N ALA A 225 -9.13 -2.08 -20.12
CA ALA A 225 -8.63 -1.53 -21.37
C ALA A 225 -9.51 -1.90 -22.54
N ARG A 226 -10.27 -2.98 -22.40
CA ARG A 226 -11.14 -3.45 -23.46
C ARG A 226 -12.59 -3.09 -23.21
N GLY A 227 -12.83 -2.08 -22.37
CA GLY A 227 -14.13 -1.45 -22.27
C GLY A 227 -14.95 -1.82 -21.06
N GLU A 228 -14.43 -2.66 -20.17
CA GLU A 228 -15.19 -3.05 -18.98
C GLU A 228 -14.97 -1.96 -17.92
N ASN A 229 -15.84 -0.95 -17.91
CA ASN A 229 -15.61 0.24 -17.08
C ASN A 229 -15.57 -0.10 -15.60
N ASN A 230 -16.28 -1.14 -15.18
CA ASN A 230 -16.38 -1.50 -13.77
C ASN A 230 -15.45 -2.64 -13.40
N ALA A 231 -14.39 -2.86 -14.19
CA ALA A 231 -13.51 -4.00 -13.95
C ALA A 231 -12.92 -3.99 -12.54
N PHE A 232 -12.66 -2.82 -11.98
CA PHE A 232 -12.04 -2.74 -10.65
C PHE A 232 -13.05 -2.63 -9.52
N ILE A 233 -14.35 -2.61 -9.83
CA ILE A 233 -15.38 -2.76 -8.80
C ILE A 233 -15.37 -4.22 -8.36
N ASP A 234 -15.06 -4.46 -7.09
CA ASP A 234 -14.82 -5.81 -6.58
C ASP A 234 -15.15 -5.76 -5.08
N LYS A 235 -16.43 -5.89 -4.78
CA LYS A 235 -16.92 -5.66 -3.44
C LYS A 235 -16.56 -6.79 -2.49
N ALA A 236 -16.33 -8.00 -3.00
CA ALA A 236 -15.94 -9.12 -2.17
C ALA A 236 -14.46 -9.45 -2.25
N GLY A 237 -13.69 -8.74 -3.09
CA GLY A 237 -12.30 -9.10 -3.28
C GLY A 237 -11.45 -8.96 -2.03
N LEU A 238 -11.68 -7.91 -1.24
CA LEU A 238 -10.89 -7.71 -0.04
C LEU A 238 -11.14 -8.85 0.95
N ALA A 239 -12.41 -9.23 1.13
CA ALA A 239 -12.73 -10.37 1.99
C ALA A 239 -12.06 -11.65 1.50
N ARG A 240 -11.99 -11.85 0.18
CA ARG A 240 -11.36 -13.05 -0.35
C ARG A 240 -9.85 -13.01 -0.14
N TYR A 241 -9.22 -11.83 -0.29
CA TYR A 241 -7.80 -11.68 -0.01
C TYR A 241 -7.51 -12.01 1.45
N VAL A 242 -8.36 -11.52 2.36
CA VAL A 242 -8.18 -11.84 3.78
C VAL A 242 -8.34 -13.33 4.02
N ALA A 243 -9.34 -13.94 3.39
CA ALA A 243 -9.58 -15.36 3.62
C ALA A 243 -8.40 -16.20 3.17
N GLN A 244 -7.85 -15.90 1.99
CA GLN A 244 -6.67 -16.63 1.53
C GLN A 244 -5.49 -16.40 2.47
N SER A 245 -5.32 -15.16 2.93
CA SER A 245 -4.22 -14.86 3.85
C SER A 245 -4.39 -15.57 5.19
N ARG A 246 -5.61 -15.56 5.73
CA ARG A 246 -5.86 -16.23 7.01
C ARG A 246 -5.59 -17.72 6.91
N ALA A 247 -6.04 -18.35 5.82
CA ALA A 247 -5.83 -19.79 5.71
C ALA A 247 -4.35 -20.12 5.73
N ALA A 248 -3.54 -19.36 4.98
CA ALA A 248 -2.11 -19.61 4.95
C ALA A 248 -1.46 -19.30 6.30
N PHE A 249 -1.89 -18.22 6.94
CA PHE A 249 -1.32 -17.86 8.23
C PHE A 249 -1.63 -18.92 9.27
N GLU A 250 -2.88 -19.36 9.33
CA GLU A 250 -3.23 -20.34 10.36
C GLU A 250 -2.54 -21.68 10.11
N LYS A 251 -2.32 -22.05 8.85
CA LYS A 251 -1.51 -23.23 8.55
C LYS A 251 -0.07 -23.02 9.00
N GLN A 252 0.44 -21.80 8.83
CA GLN A 252 1.82 -21.52 9.22
C GLN A 252 1.98 -21.63 10.72
N LEU A 253 1.05 -21.04 11.47
CA LEU A 253 1.12 -21.10 12.92
C LEU A 253 1.01 -22.55 13.40
N ALA A 254 0.10 -23.32 12.80
CA ALA A 254 -0.03 -24.72 13.18
C ALA A 254 1.23 -25.51 12.86
N ALA A 255 1.87 -25.21 11.73
CA ALA A 255 3.09 -25.92 11.37
C ALA A 255 4.20 -25.60 12.35
N GLN A 256 4.31 -24.34 12.76
CA GLN A 256 5.35 -23.95 13.71
C GLN A 256 5.07 -24.50 15.10
N ARG A 257 3.79 -24.55 15.51
CA ARG A 257 3.42 -25.18 16.78
C ARG A 257 3.76 -26.66 16.81
N ALA A 258 3.67 -27.34 15.66
CA ALA A 258 3.87 -28.77 15.64
C ALA A 258 5.32 -29.13 15.88
N GLN A 259 6.25 -28.26 15.47
CA GLN A 259 7.68 -28.49 15.60
C GLN A 259 8.33 -27.15 15.89
N PRO A 260 8.24 -26.66 17.13
CA PRO A 260 8.75 -25.34 17.46
C PRO A 260 10.25 -25.32 17.80
P PO4 B . -11.17 -16.25 -5.94
O1 PO4 B . -10.39 -15.15 -6.67
O2 PO4 B . -12.23 -15.61 -5.08
O3 PO4 B . -10.19 -17.07 -5.19
O4 PO4 B . -11.83 -17.08 -7.03
P PO4 C . 5.65 -7.40 0.54
P PO4 C . 6.05 -7.60 0.44
O1 PO4 C . 6.24 -7.84 -0.79
O1 PO4 C . 6.60 -7.58 -0.98
O2 PO4 C . 6.80 -6.93 1.40
O2 PO4 C . 7.09 -7.08 1.38
O3 PO4 C . 4.63 -6.30 0.31
O3 PO4 C . 4.79 -6.76 0.53
O4 PO4 C . 4.90 -8.56 1.15
O4 PO4 C . 5.70 -9.03 0.80
P PO4 D . 6.38 17.44 -13.66
O1 PO4 D . 7.82 17.77 -14.00
O2 PO4 D . 6.18 15.95 -13.56
O3 PO4 D . 5.50 17.87 -14.83
O4 PO4 D . 5.97 18.22 -12.42
P PO4 E . -12.28 1.86 9.44
O1 PO4 E . -11.08 2.63 9.93
O2 PO4 E . -12.30 1.90 7.93
O3 PO4 E . -13.53 2.53 9.92
O4 PO4 E . -12.22 0.42 9.92
ZN ZN F . 5.75 -5.83 -1.16
ZN ZN G . 6.89 -6.20 3.14
C1 1KA H . -2.10 3.17 15.86
O1 1KA H . -2.78 4.39 15.95
C2 1KA H . -1.15 3.19 14.67
O2 1KA H . -1.80 3.68 13.54
C3 1KA H . -0.97 3.81 12.42
C4 1KA H . -1.81 4.04 11.17
O4 1KA H . -2.30 2.82 10.72
H1 1KA H . -1.58 3.04 16.68
H2 1KA H . -0.82 2.29 14.49
H3 1KA H . -0.40 3.76 14.87
H4 1KA H . -0.48 2.98 12.31
H5 1KA H . -0.34 4.54 12.55
H6 1KA H . -2.57 4.63 11.40
H7 1KA H . -1.27 4.46 10.49
C1 1KA I . -18.53 -6.29 5.50
O1 1KA I . -19.80 -5.71 5.37
C2 1KA I . -17.82 -6.33 4.15
O2 1KA I . -18.56 -7.11 3.24
C3 1KA I . -17.77 -7.86 2.35
C4 1KA I . -18.67 -8.61 1.37
O4 1KA I . -19.25 -9.71 2.01
H1 1KA I . -18.01 -5.76 6.12
H2 1KA I . -17.75 -5.43 3.81
H3 1KA I . -16.94 -6.71 4.25
H4 1KA I . -17.25 -8.50 2.86
H5 1KA I . -17.17 -7.28 1.86
H6 1KA I . -19.36 -8.02 1.04
H7 1KA I . -18.13 -8.93 0.63
C1 PGE J . 2.09 -16.89 0.77
O1 PGE J . 2.11 -16.17 -0.43
C2 PGE J . 0.74 -16.78 1.48
O2 PGE J . -0.15 -16.02 0.70
C3 PGE J . -1.50 -16.34 0.90
C4 PGE J . -2.37 -15.15 0.48
O4 PGE J . -2.62 -14.65 -3.57
C6 PGE J . -2.88 -13.56 -2.74
C5 PGE J . -3.26 -14.05 -1.34
O3 PGE J . -2.29 -14.95 -0.89
H1 PGE J . 2.79 -16.57 1.36
H12 PGE J . 2.27 -17.83 0.56
HO1 PGE J . 2.92 -15.99 -0.64
H2 PGE J . 0.86 -16.36 2.34
H22 PGE J . 0.37 -17.67 1.60
H3 PGE J . -1.66 -16.55 1.83
H32 PGE J . -1.72 -17.12 0.35
H4 PGE J . -3.29 -15.32 0.73
H42 PGE J . -2.06 -14.35 0.94
HO4 PGE J . -2.61 -14.39 -4.39
H6 PGE J . -2.08 -13.01 -2.67
H62 PGE J . -3.61 -13.03 -3.11
H5 PGE J . -4.13 -14.49 -1.38
H52 PGE J . -3.31 -13.30 -0.73
C1 PGE K . -14.42 -1.34 11.02
O1 PGE K . -13.49 -0.74 11.87
C2 PGE K . -15.81 -0.86 11.42
O2 PGE K . -16.75 -1.20 10.44
C3 PGE K . -18.08 -1.14 10.85
C4 PGE K . -18.78 0.02 10.16
O4 PGE K . -19.89 4.57 10.85
C6 PGE K . -19.12 3.49 11.30
C5 PGE K . -19.41 2.26 10.45
O3 PGE K . -18.65 1.18 10.93
H1 PGE K . -14.25 -1.09 10.10
H12 PGE K . -14.38 -2.31 11.10
HO1 PGE K . -12.85 -1.29 12.02
H2 PGE K . -16.07 -1.27 12.26
H22 PGE K . -15.81 0.10 11.53
H3 PGE K . -18.52 -1.96 10.59
H32 PGE K . -18.13 -1.04 11.81
H4 PGE K . -18.39 0.17 9.29
H42 PGE K . -19.73 -0.18 10.06
HO4 PGE K . -19.56 5.30 11.13
H6 PGE K . -19.34 3.30 12.22
H62 PGE K . -18.18 3.71 11.22
H5 PGE K . -20.36 2.04 10.51
H52 PGE K . -19.18 2.43 9.53
C1 PGE L . -8.21 -13.31 17.47
O1 PGE L . -8.49 -14.22 16.44
C2 PGE L . -8.51 -11.89 16.99
O2 PGE L . -9.89 -11.76 16.76
C3 PGE L . -10.23 -10.47 16.34
C4 PGE L . -11.69 -10.45 15.97
O4 PGE L . -12.84 -13.14 13.17
C6 PGE L . -13.79 -12.47 13.94
C5 PGE L . -13.23 -11.12 14.37
O3 PGE L . -11.94 -11.29 14.88
H1 PGE L . -7.28 -13.37 17.74
H12 PGE L . -8.79 -13.52 18.23
HO1 PGE L . -8.38 -15.01 16.73
H2 PGE L . -8.24 -11.25 17.66
H22 PGE L . -8.03 -11.72 16.17
H3 PGE L . -10.07 -9.86 17.08
H32 PGE L . -9.68 -10.21 15.59
H4 PGE L . -11.95 -9.54 15.73
H42 PGE L . -12.23 -10.73 16.73
HO4 PGE L . -13.14 -13.90 12.92
H6 PGE L . -14.00 -13.00 14.74
H62 PGE L . -14.59 -12.34 13.42
H5 PGE L . -13.79 -10.73 15.06
H52 PGE L . -13.21 -10.53 13.61
#